data_2HCZ
#
_entry.id   2HCZ
#
_cell.length_a   113.408
_cell.length_b   44.512
_cell.length_c   69.467
_cell.angle_alpha   90.000
_cell.angle_beta   124.640
_cell.angle_gamma   90.000
#
_symmetry.space_group_name_H-M   'C 1 2 1'
#
loop_
_entity.id
_entity.type
_entity.pdbx_description
1 polymer 'Beta-expansin 1a'
2 branched alpha-D-xylopyranose-(1-2)-[alpha-D-mannopyranose-(1-3)][alpha-D-mannopyranose-(1-6)]alpha-D-mannopyranose-(1-4)-2-acetamido-2-deoxy-beta-D-glucopyranose-(1-4)-[alpha-D-fucopyranose-(1-3)]2-acetamido-2-deoxy-beta-D-glucopyranose
3 water water
#
_entity_poly.entity_id   1
_entity_poly.type   'polypeptide(L)'
_entity_poly.pdbx_seq_one_letter_code
;GPPKVPPG(HYP)NITTNYNGKWLTARATWYGQPNGAGAPDNGGACGIKNVNLPPYSGMTACGNVPIFKDGKGCGSCYEV
RCKEKPECSGNPVTVYITDMNYEPIAPYHFDLSGKAFGSLAKPGLNDKIRHCGIMDVEFRRVRCKYPAGQKIVFHIEKGC
NPNYLAVLVKYVADDGDIVLMEIQDKLSAEWKPMKLSWGAIWRMDTAKALKGPFSIRLTSESGKKVIAKDVIPANWRPDA
VYTSNVQFY
;
_entity_poly.pdbx_strand_id   X
#
# COMPACT_ATOMS: atom_id res chain seq x y z
N LYS A 4 22.35 9.33 -15.38
CA LYS A 4 21.42 9.27 -14.22
C LYS A 4 20.09 9.94 -14.55
N VAL A 5 18.99 9.25 -14.26
CA VAL A 5 17.67 9.81 -14.52
C VAL A 5 17.01 10.32 -13.24
N PRO A 6 16.62 11.60 -13.23
CA PRO A 6 15.96 12.27 -12.10
C PRO A 6 14.46 11.97 -11.99
N PRO A 7 14.02 11.56 -10.79
CA PRO A 7 12.63 11.21 -10.45
C PRO A 7 11.60 12.29 -10.76
N GLY A 8 10.37 11.86 -11.05
CA GLY A 8 9.26 12.72 -11.40
C GLY A 8 9.36 14.23 -11.24
N ASN A 10 6.77 12.81 -8.10
CA ASN A 10 6.37 12.96 -6.67
C ASN A 10 4.92 13.28 -6.85
N ILE A 11 4.07 12.36 -6.40
CA ILE A 11 2.65 12.45 -6.59
C ILE A 11 1.87 12.65 -5.31
N THR A 12 1.02 13.67 -5.35
CA THR A 12 0.20 14.04 -4.20
C THR A 12 -1.21 13.54 -4.30
N THR A 13 -2.00 13.87 -3.29
CA THR A 13 -3.39 13.45 -3.26
C THR A 13 -4.24 14.28 -4.22
N ASN A 14 -3.58 14.99 -5.13
CA ASN A 14 -4.30 15.78 -6.10
C ASN A 14 -4.84 14.85 -7.19
N TYR A 15 -6.10 14.46 -7.10
CA TYR A 15 -6.68 13.56 -8.08
C TYR A 15 -7.12 14.25 -9.38
N ASN A 16 -6.16 14.65 -10.23
CA ASN A 16 -6.48 15.32 -11.50
C ASN A 16 -6.63 14.38 -12.68
N GLY A 17 -7.51 13.41 -12.52
CA GLY A 17 -7.80 12.40 -13.53
C GLY A 17 -7.11 12.29 -14.88
N LYS A 18 -5.92 12.87 -15.06
CA LYS A 18 -5.30 12.71 -16.36
C LYS A 18 -3.95 12.02 -16.37
N TRP A 19 -3.75 11.27 -17.44
CA TRP A 19 -2.58 10.42 -17.64
C TRP A 19 -1.20 10.99 -17.72
N LEU A 20 -0.28 10.27 -17.09
CA LEU A 20 1.13 10.63 -17.05
C LEU A 20 1.89 9.46 -17.66
N THR A 21 3.08 9.73 -18.18
CA THR A 21 3.91 8.69 -18.77
C THR A 21 4.75 8.03 -17.69
N ALA A 22 5.23 6.83 -17.98
CA ALA A 22 6.06 6.08 -17.05
C ALA A 22 6.48 4.79 -17.72
N ARG A 23 7.59 4.21 -17.26
CA ARG A 23 8.06 2.96 -17.82
C ARG A 23 7.73 1.84 -16.85
N ALA A 24 7.15 0.77 -17.37
CA ALA A 24 6.79 -0.35 -16.51
C ALA A 24 7.59 -1.58 -16.83
N THR A 25 7.67 -2.46 -15.85
CA THR A 25 8.37 -3.73 -15.99
C THR A 25 7.76 -4.57 -14.90
N TRP A 26 8.11 -5.84 -14.87
CA TRP A 26 7.55 -6.71 -13.84
C TRP A 26 8.65 -7.55 -13.23
N TYR A 27 8.39 -8.09 -12.05
CA TYR A 27 9.39 -8.90 -11.38
C TYR A 27 8.67 -10.04 -10.67
N GLY A 28 9.45 -11.03 -10.24
CA GLY A 28 8.88 -12.19 -9.56
C GLY A 28 8.35 -13.22 -10.53
N GLN A 29 7.39 -14.03 -10.07
CA GLN A 29 6.81 -15.04 -10.95
C GLN A 29 5.86 -14.36 -11.94
N PRO A 30 5.65 -14.99 -13.11
CA PRO A 30 4.77 -14.43 -14.16
C PRO A 30 3.29 -14.36 -13.80
N ASN A 31 2.87 -15.19 -12.85
CA ASN A 31 1.48 -15.21 -12.41
C ASN A 31 1.46 -15.03 -10.91
N GLY A 32 2.50 -14.37 -10.40
CA GLY A 32 2.59 -14.12 -8.98
C GLY A 32 2.32 -12.67 -8.68
N ALA A 33 2.41 -12.33 -7.40
CA ALA A 33 2.17 -10.95 -6.95
C ALA A 33 3.48 -10.22 -6.67
N GLY A 34 4.45 -10.35 -7.57
CA GLY A 34 5.73 -9.68 -7.39
C GLY A 34 6.73 -10.37 -6.48
N ALA A 35 6.72 -10.01 -5.20
CA ALA A 35 7.63 -10.59 -4.22
C ALA A 35 7.44 -12.09 -4.09
N PRO A 36 8.52 -12.87 -4.26
CA PRO A 36 8.47 -14.33 -4.17
C PRO A 36 7.71 -14.79 -2.92
N ASP A 37 7.83 -14.01 -1.86
CA ASP A 37 7.17 -14.30 -0.58
C ASP A 37 5.76 -13.72 -0.51
N ASN A 38 5.37 -12.98 -1.54
CA ASN A 38 4.07 -12.35 -1.60
C ASN A 38 3.91 -11.35 -0.45
N GLY A 39 4.89 -10.45 -0.37
CA GLY A 39 4.91 -9.42 0.64
C GLY A 39 5.70 -8.31 -0.02
N GLY A 40 6.30 -7.41 0.77
CA GLY A 40 7.05 -6.34 0.16
C GLY A 40 7.52 -5.27 1.12
N ALA A 41 8.20 -4.29 0.55
CA ALA A 41 8.75 -3.20 1.31
C ALA A 41 7.76 -2.55 2.25
N CYS A 42 6.46 -2.66 1.95
CA CYS A 42 5.44 -2.04 2.81
C CYS A 42 5.14 -2.86 4.04
N GLY A 43 5.40 -4.17 3.97
CA GLY A 43 5.13 -4.99 5.11
C GLY A 43 3.75 -5.61 5.14
N ILE A 44 2.99 -5.43 4.07
CA ILE A 44 1.66 -6.03 4.05
C ILE A 44 1.98 -7.38 3.44
N LYS A 45 1.34 -8.43 3.94
CA LYS A 45 1.57 -9.76 3.42
C LYS A 45 0.33 -10.38 2.78
N ASN A 46 0.55 -11.35 1.90
CA ASN A 46 -0.52 -12.07 1.20
C ASN A 46 -1.06 -11.30 0.02
N VAL A 47 -0.30 -10.32 -0.45
CA VAL A 47 -0.71 -9.49 -1.56
C VAL A 47 -1.20 -10.27 -2.77
N ASN A 48 -1.12 -11.59 -2.70
CA ASN A 48 -1.58 -12.39 -3.82
C ASN A 48 -3.07 -12.72 -3.64
N LEU A 49 -3.49 -12.86 -2.39
CA LEU A 49 -4.87 -13.16 -2.06
C LEU A 49 -5.73 -11.89 -2.14
N PRO A 50 -7.07 -12.03 -2.11
CA PRO A 50 -7.91 -10.84 -2.20
C PRO A 50 -7.73 -10.07 -0.91
N PRO A 51 -8.04 -8.76 -0.93
CA PRO A 51 -8.54 -8.00 -2.08
C PRO A 51 -7.47 -7.66 -3.11
N TYR A 52 -6.25 -7.43 -2.65
CA TYR A 52 -5.15 -7.10 -3.57
C TYR A 52 -5.19 -8.03 -4.76
N SER A 53 -5.24 -9.34 -4.46
CA SER A 53 -5.32 -10.39 -5.47
C SER A 53 -4.24 -10.32 -6.54
N GLY A 54 -3.00 -10.09 -6.14
CA GLY A 54 -1.93 -10.02 -7.11
C GLY A 54 -1.90 -8.81 -8.03
N MET A 55 -2.71 -7.80 -7.76
CA MET A 55 -2.66 -6.62 -8.62
C MET A 55 -1.75 -5.60 -7.94
N THR A 56 -0.56 -6.07 -7.58
CA THR A 56 0.49 -5.31 -6.89
C THR A 56 1.51 -4.62 -7.78
N ALA A 57 2.24 -3.67 -7.21
CA ALA A 57 3.27 -3.00 -7.96
C ALA A 57 4.29 -2.20 -7.14
N CYS A 58 5.37 -1.84 -7.82
CA CYS A 58 6.47 -1.09 -7.24
C CYS A 58 6.66 0.21 -7.97
N GLY A 59 7.04 1.23 -7.22
CA GLY A 59 7.28 2.52 -7.83
C GLY A 59 8.44 3.15 -7.11
N ASN A 60 9.11 4.07 -7.80
CA ASN A 60 10.25 4.78 -7.24
C ASN A 60 9.85 5.77 -6.15
N VAL A 61 10.77 6.69 -5.85
CA VAL A 61 10.58 7.71 -4.81
C VAL A 61 9.24 8.46 -4.90
N PRO A 62 8.90 8.92 -6.11
CA PRO A 62 7.66 9.66 -6.39
C PRO A 62 6.44 8.88 -5.96
N ILE A 63 6.31 7.69 -6.52
CA ILE A 63 5.19 6.83 -6.22
C ILE A 63 5.27 6.28 -4.82
N PHE A 64 6.36 5.56 -4.53
CA PHE A 64 6.58 4.92 -3.23
C PHE A 64 6.72 5.85 -2.03
N LYS A 65 7.49 6.93 -2.19
CA LYS A 65 7.68 7.90 -1.10
C LYS A 65 8.10 7.26 0.23
N ASP A 66 9.32 6.74 0.27
CA ASP A 66 9.89 6.08 1.46
C ASP A 66 8.88 5.42 2.39
N GLY A 67 7.84 4.84 1.81
CA GLY A 67 6.84 4.13 2.60
C GLY A 67 5.58 4.87 2.94
N LYS A 68 5.45 6.10 2.46
CA LYS A 68 4.27 6.88 2.74
C LYS A 68 3.26 6.75 1.61
N GLY A 69 3.66 6.04 0.56
CA GLY A 69 2.81 5.80 -0.58
C GLY A 69 2.17 4.42 -0.47
N CYS A 70 2.57 3.68 0.56
CA CYS A 70 2.04 2.35 0.78
C CYS A 70 0.55 2.44 0.95
N GLY A 71 -0.19 1.76 0.08
CA GLY A 71 -1.64 1.78 0.14
C GLY A 71 -2.24 2.45 -1.08
N SER A 72 -1.54 3.45 -1.61
CA SER A 72 -2.02 4.16 -2.78
C SER A 72 -2.50 3.20 -3.86
N CYS A 73 -3.34 3.74 -4.73
CA CYS A 73 -3.88 3.01 -5.85
C CYS A 73 -3.60 3.87 -7.05
N TYR A 74 -3.21 3.22 -8.13
CA TYR A 74 -2.95 3.94 -9.35
C TYR A 74 -3.67 3.13 -10.39
N GLU A 75 -3.79 3.70 -11.57
CA GLU A 75 -4.48 3.06 -12.66
C GLU A 75 -3.50 3.17 -13.78
N VAL A 76 -3.11 2.05 -14.36
CA VAL A 76 -2.17 2.09 -15.45
C VAL A 76 -2.78 1.38 -16.65
N ARG A 77 -2.40 1.81 -17.84
CA ARG A 77 -2.94 1.24 -19.06
C ARG A 77 -1.87 1.27 -20.14
N CYS A 78 -1.98 0.34 -21.08
CA CYS A 78 -1.01 0.29 -22.15
C CYS A 78 -1.67 0.53 -23.49
N LYS A 79 -1.01 1.30 -24.35
CA LYS A 79 -1.53 1.56 -25.66
C LYS A 79 -0.39 1.84 -26.62
N GLU A 80 0.77 1.27 -26.34
CA GLU A 80 1.94 1.47 -27.21
C GLU A 80 2.12 0.25 -28.09
N LYS A 81 2.44 -0.87 -27.47
CA LYS A 81 2.63 -2.11 -28.21
C LYS A 81 1.30 -2.84 -28.30
N PRO A 82 1.10 -3.63 -29.37
CA PRO A 82 -0.13 -4.39 -29.58
C PRO A 82 -0.54 -5.19 -28.36
N GLU A 83 -1.38 -6.20 -28.57
CA GLU A 83 -1.87 -7.05 -27.48
C GLU A 83 -2.14 -6.29 -26.20
N CYS A 84 -2.31 -4.97 -26.32
CA CYS A 84 -2.57 -4.12 -25.18
C CYS A 84 -4.03 -3.81 -25.06
N SER A 85 -4.65 -4.40 -24.05
CA SER A 85 -6.07 -4.23 -23.77
C SER A 85 -6.54 -2.81 -24.05
N GLY A 86 -5.64 -1.84 -23.86
CA GLY A 86 -6.01 -0.45 -24.07
C GLY A 86 -6.66 0.04 -22.79
N ASN A 87 -7.33 -0.87 -22.09
CA ASN A 87 -8.00 -0.54 -20.85
C ASN A 87 -7.03 -0.58 -19.67
N PRO A 88 -7.27 0.25 -18.65
CA PRO A 88 -6.44 0.34 -17.46
C PRO A 88 -6.73 -0.74 -16.43
N VAL A 89 -5.75 -0.97 -15.57
CA VAL A 89 -5.87 -1.94 -14.48
C VAL A 89 -5.61 -1.14 -13.22
N THR A 90 -6.27 -1.51 -12.13
CA THR A 90 -6.06 -0.80 -10.88
C THR A 90 -5.04 -1.54 -10.03
N VAL A 91 -3.89 -0.91 -9.84
CA VAL A 91 -2.79 -1.47 -9.06
C VAL A 91 -2.68 -0.88 -7.66
N TYR A 92 -2.11 -1.66 -6.74
CA TYR A 92 -1.87 -1.19 -5.37
C TYR A 92 -0.37 -1.08 -5.23
N ILE A 93 0.09 -0.17 -4.37
CA ILE A 93 1.53 -0.01 -4.16
C ILE A 93 1.88 -0.65 -2.84
N THR A 94 2.47 -1.82 -2.91
CA THR A 94 2.82 -2.56 -1.71
C THR A 94 4.30 -2.85 -1.64
N ASP A 95 5.04 -2.35 -2.62
CA ASP A 95 6.46 -2.58 -2.64
C ASP A 95 7.23 -1.43 -3.25
N MET A 96 8.54 -1.60 -3.42
CA MET A 96 9.35 -0.52 -3.97
C MET A 96 10.52 -0.95 -4.83
N ASN A 97 11.01 0.01 -5.61
CA ASN A 97 12.14 -0.18 -6.49
C ASN A 97 12.65 1.22 -6.89
N TYR A 98 13.82 1.59 -6.37
CA TYR A 98 14.37 2.92 -6.65
C TYR A 98 15.39 3.03 -7.77
N GLU A 99 15.51 2.01 -8.61
CA GLU A 99 16.47 2.07 -9.72
C GLU A 99 16.19 3.28 -10.58
N PRO A 100 17.20 4.14 -10.77
CA PRO A 100 16.96 5.33 -11.60
C PRO A 100 16.85 5.05 -13.09
N ILE A 101 16.02 4.10 -13.51
CA ILE A 101 15.91 3.81 -14.94
C ILE A 101 15.02 4.78 -15.69
N ALA A 102 14.13 5.47 -14.97
CA ALA A 102 13.24 6.46 -15.60
C ALA A 102 12.60 7.35 -14.56
N PRO A 103 12.13 8.53 -14.97
CA PRO A 103 11.48 9.50 -14.09
C PRO A 103 10.48 8.79 -13.18
N TYR A 104 9.45 8.20 -13.78
CA TYR A 104 8.46 7.44 -13.02
C TYR A 104 8.57 5.99 -13.44
N HIS A 105 8.66 5.09 -12.47
CA HIS A 105 8.81 3.67 -12.75
C HIS A 105 7.89 2.77 -11.97
N PHE A 106 7.18 1.89 -12.68
CA PHE A 106 6.28 0.93 -12.06
C PHE A 106 6.88 -0.43 -12.35
N ASP A 107 6.92 -1.28 -11.33
CA ASP A 107 7.44 -2.62 -11.47
C ASP A 107 6.26 -3.47 -11.06
N LEU A 108 5.48 -3.88 -12.05
CA LEU A 108 4.29 -4.64 -11.78
C LEU A 108 4.54 -6.11 -11.51
N SER A 109 3.51 -6.76 -10.98
CA SER A 109 3.56 -8.18 -10.71
C SER A 109 3.35 -8.82 -12.08
N GLY A 110 3.50 -10.13 -12.18
CA GLY A 110 3.28 -10.79 -13.47
C GLY A 110 1.80 -10.67 -13.80
N LYS A 111 0.97 -10.93 -12.81
CA LYS A 111 -0.48 -10.86 -12.94
C LYS A 111 -0.87 -9.51 -13.51
N ALA A 112 -0.54 -8.45 -12.75
CA ALA A 112 -0.85 -7.09 -13.16
C ALA A 112 -0.29 -6.78 -14.54
N PHE A 113 1.02 -6.88 -14.69
CA PHE A 113 1.63 -6.59 -15.98
C PHE A 113 0.88 -7.27 -17.12
N GLY A 114 0.43 -8.50 -16.88
CA GLY A 114 -0.28 -9.24 -17.90
C GLY A 114 -1.64 -8.64 -18.19
N SER A 115 -2.34 -8.25 -17.12
CA SER A 115 -3.66 -7.65 -17.22
C SER A 115 -3.75 -6.46 -18.16
N LEU A 116 -2.61 -5.89 -18.53
CA LEU A 116 -2.65 -4.75 -19.43
C LEU A 116 -2.91 -5.23 -20.85
N ALA A 117 -3.04 -6.54 -21.01
CA ALA A 117 -3.24 -7.14 -22.35
C ALA A 117 -4.63 -7.57 -22.74
N LYS A 118 -4.87 -7.59 -24.05
CA LYS A 118 -6.15 -8.02 -24.60
C LYS A 118 -6.27 -9.48 -24.18
N PRO A 119 -7.48 -9.93 -23.84
CA PRO A 119 -7.72 -11.31 -23.42
C PRO A 119 -6.96 -12.38 -24.21
N GLY A 120 -6.26 -13.24 -23.48
CA GLY A 120 -5.50 -14.32 -24.10
C GLY A 120 -4.11 -13.98 -24.59
N LEU A 121 -3.69 -12.72 -24.38
CA LEU A 121 -2.38 -12.27 -24.83
C LEU A 121 -1.41 -12.01 -23.67
N ASN A 122 -1.84 -12.33 -22.46
CA ASN A 122 -1.05 -12.13 -21.26
C ASN A 122 0.42 -12.52 -21.42
N ASP A 123 0.72 -13.78 -21.11
CA ASP A 123 2.07 -14.33 -21.19
C ASP A 123 2.82 -13.81 -22.40
N LYS A 124 2.09 -13.50 -23.45
CA LYS A 124 2.71 -12.97 -24.65
C LYS A 124 3.35 -11.65 -24.30
N ILE A 125 2.50 -10.72 -23.85
CA ILE A 125 2.91 -9.37 -23.48
C ILE A 125 3.95 -9.34 -22.34
N ARG A 126 3.91 -10.33 -21.45
CA ARG A 126 4.88 -10.37 -20.37
C ARG A 126 6.31 -10.52 -20.86
N HIS A 127 6.48 -10.88 -22.13
CA HIS A 127 7.81 -11.03 -22.65
C HIS A 127 8.23 -9.89 -23.56
N CYS A 128 8.19 -8.72 -22.96
CA CYS A 128 8.61 -7.49 -23.61
C CYS A 128 9.34 -6.83 -22.46
N GLY A 129 9.14 -7.42 -21.29
CA GLY A 129 9.79 -6.95 -20.08
C GLY A 129 9.56 -5.51 -19.71
N ILE A 130 10.06 -4.60 -20.55
CA ILE A 130 9.91 -3.18 -20.30
C ILE A 130 9.15 -2.47 -21.41
N MET A 131 8.21 -1.61 -21.03
CA MET A 131 7.42 -0.86 -22.00
C MET A 131 6.90 0.43 -21.38
N ASP A 132 6.54 1.37 -22.24
CA ASP A 132 5.99 2.65 -21.80
C ASP A 132 4.50 2.50 -21.52
N VAL A 133 4.08 2.83 -20.31
CA VAL A 133 2.67 2.76 -19.95
C VAL A 133 2.12 4.16 -19.66
N GLU A 134 0.89 4.22 -19.17
CA GLU A 134 0.27 5.50 -18.83
C GLU A 134 -0.46 5.31 -17.53
N PHE A 135 -0.43 6.32 -16.65
CA PHE A 135 -1.10 6.16 -15.37
C PHE A 135 -1.59 7.46 -14.73
N ARG A 136 -2.28 7.30 -13.62
CA ARG A 136 -2.78 8.40 -12.85
C ARG A 136 -3.24 7.82 -11.53
N ARG A 137 -2.99 8.50 -10.43
CA ARG A 137 -3.44 7.98 -9.15
C ARG A 137 -4.96 8.02 -9.12
N VAL A 138 -5.57 7.32 -8.16
CA VAL A 138 -7.01 7.28 -8.04
C VAL A 138 -7.38 6.97 -6.60
N ARG A 139 -8.59 7.28 -6.19
CA ARG A 139 -8.95 6.96 -4.83
C ARG A 139 -8.99 5.43 -4.83
N CYS A 140 -8.98 4.81 -3.66
CA CYS A 140 -9.00 3.36 -3.62
C CYS A 140 -10.36 2.87 -3.18
N LYS A 141 -10.85 1.84 -3.83
CA LYS A 141 -12.14 1.26 -3.52
C LYS A 141 -11.95 -0.20 -3.18
N TYR A 142 -12.53 -0.62 -2.07
CA TYR A 142 -12.46 -2.01 -1.62
C TYR A 142 -13.88 -2.57 -1.57
N PRO A 143 -14.02 -3.89 -1.38
CA PRO A 143 -15.39 -4.42 -1.32
C PRO A 143 -16.16 -3.61 -0.28
N ALA A 144 -17.47 -3.57 -0.41
CA ALA A 144 -18.28 -2.79 0.51
C ALA A 144 -18.31 -3.41 1.89
N GLY A 145 -18.38 -2.55 2.90
CA GLY A 145 -18.41 -3.03 4.26
C GLY A 145 -17.02 -3.29 4.79
N GLN A 146 -16.05 -3.45 3.89
CA GLN A 146 -14.66 -3.71 4.25
C GLN A 146 -14.02 -2.51 4.94
N LYS A 147 -13.87 -2.58 6.26
CA LYS A 147 -13.29 -1.47 7.01
C LYS A 147 -11.77 -1.63 7.16
N ILE A 148 -11.14 -0.69 7.88
CA ILE A 148 -9.69 -0.72 8.07
C ILE A 148 -9.23 -1.73 9.11
N VAL A 149 -8.20 -2.49 8.75
CA VAL A 149 -7.67 -3.52 9.64
C VAL A 149 -6.26 -3.28 10.18
N PHE A 150 -6.12 -3.49 11.49
CA PHE A 150 -4.84 -3.34 12.19
C PHE A 150 -4.28 -4.72 12.57
N HIS A 151 -3.03 -4.96 12.18
CA HIS A 151 -2.36 -6.23 12.47
C HIS A 151 -1.18 -5.99 13.39
N ILE A 152 -1.10 -6.77 14.47
CA ILE A 152 0.00 -6.65 15.43
C ILE A 152 1.20 -7.44 14.93
N GLU A 153 2.39 -6.85 14.97
CA GLU A 153 3.58 -7.53 14.49
C GLU A 153 4.38 -8.27 15.59
N LYS A 154 5.31 -9.12 15.17
CA LYS A 154 6.15 -9.91 16.08
C LYS A 154 7.04 -9.05 16.97
N GLY A 155 6.81 -9.11 18.27
CA GLY A 155 7.58 -8.28 19.21
C GLY A 155 8.94 -8.73 19.71
N CYS A 156 9.38 -8.06 20.77
CA CYS A 156 10.67 -8.34 21.43
C CYS A 156 10.65 -7.79 22.85
N ASN A 157 11.54 -6.84 23.14
CA ASN A 157 11.62 -6.23 24.48
C ASN A 157 10.20 -5.93 24.94
N PRO A 158 9.89 -6.27 26.20
CA PRO A 158 8.58 -6.07 26.83
C PRO A 158 7.70 -4.96 26.26
N ASN A 159 6.82 -5.35 25.35
CA ASN A 159 5.88 -4.43 24.72
C ASN A 159 6.47 -3.17 24.12
N TYR A 160 6.80 -3.23 22.84
CA TYR A 160 7.30 -2.07 22.12
C TYR A 160 6.34 -1.91 20.95
N LEU A 161 5.34 -2.79 20.93
CA LEU A 161 4.29 -2.85 19.91
C LEU A 161 4.73 -2.84 18.46
N ALA A 162 3.95 -2.12 17.64
CA ALA A 162 4.17 -1.98 16.20
C ALA A 162 2.93 -2.52 15.48
N VAL A 163 2.19 -1.61 14.86
CA VAL A 163 0.96 -1.98 14.16
C VAL A 163 1.05 -1.76 12.66
N LEU A 164 0.50 -2.71 11.92
CA LEU A 164 0.46 -2.59 10.48
C LEU A 164 -0.98 -2.19 10.20
N VAL A 165 -1.19 -1.35 9.20
CA VAL A 165 -2.53 -0.91 8.82
C VAL A 165 -2.78 -1.24 7.36
N LYS A 166 -3.82 -2.02 7.09
CA LYS A 166 -4.12 -2.39 5.72
C LYS A 166 -5.53 -2.00 5.33
N TYR A 167 -5.80 -2.03 4.03
CA TYR A 167 -7.13 -1.73 3.51
C TYR A 167 -7.61 -0.34 3.84
N VAL A 168 -6.86 0.66 3.41
CA VAL A 168 -7.23 2.02 3.66
C VAL A 168 -7.72 2.58 2.34
N ALA A 169 -9.04 2.78 2.25
CA ALA A 169 -9.64 3.28 1.04
C ALA A 169 -9.40 4.76 0.83
N ASP A 170 -9.54 5.17 -0.42
CA ASP A 170 -9.40 6.55 -0.85
C ASP A 170 -7.99 6.97 -1.02
N ASP A 171 -7.42 7.62 -0.02
CA ASP A 171 -6.04 8.06 -0.15
C ASP A 171 -5.16 6.84 -0.22
N GLY A 172 -5.57 5.79 0.50
CA GLY A 172 -4.83 4.55 0.50
C GLY A 172 -3.66 4.51 1.45
N ASP A 173 -2.86 5.57 1.45
CA ASP A 173 -1.68 5.64 2.28
C ASP A 173 -1.80 6.46 3.55
N ILE A 174 -1.08 6.01 4.58
CA ILE A 174 -1.04 6.66 5.88
C ILE A 174 0.22 7.50 6.01
N VAL A 175 0.19 8.50 6.90
CA VAL A 175 1.32 9.37 7.12
C VAL A 175 1.50 9.71 8.59
N LEU A 176 0.71 9.04 9.44
CA LEU A 176 0.80 9.27 10.86
C LEU A 176 -0.21 8.45 11.62
N MET A 177 0.25 7.77 12.66
CA MET A 177 -0.64 6.98 13.50
C MET A 177 -0.36 7.49 14.91
N GLU A 178 -1.30 7.29 15.83
CA GLU A 178 -1.10 7.73 17.20
C GLU A 178 -2.10 7.08 18.12
N ILE A 179 -1.81 7.10 19.43
CA ILE A 179 -2.68 6.43 20.38
C ILE A 179 -3.08 7.28 21.60
N GLN A 180 -3.68 6.60 22.57
CA GLN A 180 -4.12 7.18 23.84
C GLN A 180 -4.83 6.06 24.60
N ASP A 181 -4.27 5.67 25.74
CA ASP A 181 -4.89 4.61 26.50
C ASP A 181 -5.99 5.16 27.40
N LYS A 182 -6.63 4.28 28.16
CA LYS A 182 -7.70 4.68 29.06
C LYS A 182 -7.18 5.64 30.12
N LEU A 183 -7.40 6.93 29.87
CA LEU A 183 -6.98 8.01 30.77
C LEU A 183 -5.60 8.54 30.41
N SER A 184 -5.56 9.87 30.25
CA SER A 184 -4.36 10.63 29.90
C SER A 184 -4.35 10.86 28.40
N ALA A 185 -5.55 11.10 27.85
CA ALA A 185 -5.70 11.35 26.41
C ALA A 185 -4.89 12.54 25.93
N GLU A 186 -4.60 12.58 24.63
CA GLU A 186 -3.82 13.66 24.03
C GLU A 186 -3.17 13.17 22.73
N TRP A 187 -3.45 11.92 22.39
CA TRP A 187 -2.93 11.30 21.18
C TRP A 187 -1.42 11.43 21.01
N LYS A 188 -0.69 10.43 21.46
CA LYS A 188 0.76 10.44 21.30
C LYS A 188 1.05 9.80 19.96
N PRO A 189 1.92 10.43 19.16
CA PRO A 189 2.32 9.96 17.83
C PRO A 189 2.79 8.51 17.83
N MET A 190 3.44 8.12 16.75
CA MET A 190 3.96 6.76 16.61
C MET A 190 5.13 6.79 15.63
N LYS A 191 6.06 5.86 15.82
CA LYS A 191 7.23 5.79 14.95
C LYS A 191 6.91 5.01 13.71
N LEU A 192 7.33 5.53 12.57
CA LEU A 192 7.13 4.83 11.31
C LEU A 192 8.28 3.87 11.17
N SER A 193 8.19 2.72 11.84
CA SER A 193 9.27 1.73 11.74
C SER A 193 9.63 1.60 10.27
N TRP A 194 8.67 1.17 9.45
CA TRP A 194 8.93 1.04 8.03
C TRP A 194 7.65 0.65 7.28
N GLY A 195 7.49 1.18 6.07
CA GLY A 195 6.32 0.91 5.25
C GLY A 195 5.03 1.33 5.94
N ALA A 196 4.17 0.36 6.23
CA ALA A 196 2.91 0.60 6.89
C ALA A 196 2.99 0.10 8.32
N ILE A 197 4.22 -0.10 8.79
CA ILE A 197 4.46 -0.56 10.15
C ILE A 197 4.78 0.62 11.03
N TRP A 198 4.00 0.79 12.10
CA TRP A 198 4.20 1.90 13.02
C TRP A 198 4.58 1.38 14.40
N ARG A 199 5.56 2.02 15.02
CA ARG A 199 6.06 1.58 16.31
C ARG A 199 5.77 2.51 17.47
N MET A 200 5.60 1.90 18.64
CA MET A 200 5.35 2.61 19.89
C MET A 200 6.38 2.10 20.89
N ASP A 201 7.52 2.78 20.96
CA ASP A 201 8.62 2.41 21.86
C ASP A 201 8.18 2.08 23.28
N THR A 202 7.67 3.08 23.98
CA THR A 202 7.21 2.93 25.34
C THR A 202 5.83 2.26 25.35
N ALA A 203 5.57 1.43 26.36
CA ALA A 203 4.29 0.74 26.45
C ALA A 203 3.94 0.35 27.88
N LYS A 204 4.76 0.78 28.83
CA LYS A 204 4.52 0.47 30.24
C LYS A 204 3.26 1.16 30.75
N ALA A 205 3.19 2.48 30.54
CA ALA A 205 2.04 3.28 30.97
C ALA A 205 0.83 2.99 30.09
N LEU A 206 0.99 3.18 28.79
CA LEU A 206 -0.07 2.92 27.84
C LEU A 206 -0.71 1.58 28.13
N LYS A 207 -1.82 1.58 28.87
CA LYS A 207 -2.52 0.33 29.18
C LYS A 207 -4.02 0.53 29.05
N GLY A 208 -4.74 -0.54 28.72
CA GLY A 208 -6.18 -0.43 28.56
C GLY A 208 -6.54 -0.28 27.09
N PRO A 209 -7.75 -0.67 26.67
CA PRO A 209 -8.15 -0.56 25.26
C PRO A 209 -7.69 0.75 24.64
N PHE A 210 -6.81 0.64 23.65
CA PHE A 210 -6.26 1.82 22.99
C PHE A 210 -7.02 2.27 21.77
N SER A 211 -7.01 3.58 21.56
CA SER A 211 -7.66 4.21 20.43
C SER A 211 -6.56 4.60 19.45
N ILE A 212 -6.82 4.46 18.16
CA ILE A 212 -5.82 4.78 17.17
C ILE A 212 -6.37 5.75 16.14
N ARG A 213 -5.58 6.76 15.81
CA ARG A 213 -5.98 7.76 14.84
C ARG A 213 -5.05 7.77 13.66
N LEU A 214 -5.60 7.58 12.46
CA LEU A 214 -4.82 7.53 11.23
C LEU A 214 -5.02 8.82 10.46
N THR A 215 -3.99 9.24 9.74
CA THR A 215 -4.09 10.46 8.96
C THR A 215 -3.64 10.17 7.55
N SER A 216 -4.56 10.23 6.60
CA SER A 216 -4.25 9.96 5.21
C SER A 216 -3.25 10.98 4.71
N GLU A 217 -2.77 10.78 3.50
CA GLU A 217 -1.80 11.69 2.92
C GLU A 217 -2.44 13.06 2.84
N SER A 218 -3.76 13.09 2.69
CA SER A 218 -4.52 14.32 2.57
C SER A 218 -4.72 15.14 3.80
N GLY A 219 -4.74 14.49 4.95
CA GLY A 219 -4.94 15.19 6.19
C GLY A 219 -6.16 14.60 6.86
N LYS A 220 -6.99 13.95 6.04
CA LYS A 220 -8.19 13.35 6.59
C LYS A 220 -7.77 12.44 7.75
N LYS A 221 -8.63 12.28 8.74
CA LYS A 221 -8.31 11.45 9.89
C LYS A 221 -9.49 10.62 10.33
N VAL A 222 -9.23 9.59 11.12
CA VAL A 222 -10.26 8.72 11.63
C VAL A 222 -9.85 8.21 12.99
N ILE A 223 -10.82 7.67 13.72
CA ILE A 223 -10.54 7.17 15.06
C ILE A 223 -11.23 5.84 15.34
N ALA A 224 -10.42 4.87 15.74
CA ALA A 224 -10.89 3.53 16.08
C ALA A 224 -10.69 3.46 17.60
N LYS A 225 -11.77 3.35 18.35
CA LYS A 225 -11.66 3.34 19.81
C LYS A 225 -10.86 2.18 20.40
N ASP A 226 -11.43 0.99 20.36
CA ASP A 226 -10.77 -0.18 20.91
C ASP A 226 -9.76 -0.81 19.94
N VAL A 227 -10.24 -1.74 19.12
CA VAL A 227 -9.42 -2.44 18.15
C VAL A 227 -8.11 -2.93 18.76
N ILE A 228 -7.98 -2.78 20.07
CA ILE A 228 -6.83 -3.19 20.83
C ILE A 228 -7.30 -3.33 22.27
N PRO A 229 -7.78 -4.53 22.64
CA PRO A 229 -8.28 -4.84 23.98
C PRO A 229 -7.27 -4.53 25.09
N ALA A 230 -6.29 -5.41 25.20
CA ALA A 230 -5.21 -5.31 26.20
C ALA A 230 -4.59 -6.70 26.16
N ASN A 231 -5.46 -7.69 26.02
CA ASN A 231 -5.05 -9.08 25.93
C ASN A 231 -4.59 -9.29 24.49
N TRP A 232 -4.10 -8.21 23.88
CA TRP A 232 -3.62 -8.27 22.51
C TRP A 232 -2.33 -9.06 22.45
N ARG A 233 -2.22 -9.94 21.46
CA ARG A 233 -1.02 -10.75 21.30
C ARG A 233 -0.48 -10.59 19.89
N PRO A 234 0.86 -10.49 19.75
CA PRO A 234 1.43 -10.32 18.41
C PRO A 234 0.79 -11.27 17.41
N ASP A 235 0.66 -10.80 16.18
CA ASP A 235 0.06 -11.57 15.09
C ASP A 235 -1.47 -11.47 15.15
N ALA A 236 -2.01 -11.17 16.34
CA ALA A 236 -3.45 -11.03 16.49
C ALA A 236 -3.97 -9.96 15.54
N VAL A 237 -5.13 -10.22 14.95
CA VAL A 237 -5.73 -9.28 13.99
C VAL A 237 -7.03 -8.65 14.48
N TYR A 238 -7.12 -7.33 14.35
CA TYR A 238 -8.30 -6.59 14.78
C TYR A 238 -8.91 -5.82 13.62
N THR A 239 -10.23 -5.91 13.49
CA THR A 239 -10.93 -5.21 12.44
C THR A 239 -11.75 -4.09 13.06
N SER A 240 -11.70 -2.91 12.45
CA SER A 240 -12.41 -1.74 12.96
C SER A 240 -13.70 -1.46 12.19
N ASN A 241 -14.42 -0.46 12.66
CA ASN A 241 -15.66 0.00 12.04
C ASN A 241 -15.35 1.46 11.79
N VAL A 242 -14.50 1.69 10.79
CA VAL A 242 -14.04 3.02 10.41
C VAL A 242 -13.36 2.85 9.06
N GLN A 243 -13.50 3.84 8.19
CA GLN A 243 -12.88 3.74 6.87
C GLN A 243 -12.85 5.10 6.20
N PHE A 244 -12.16 5.23 5.08
CA PHE A 244 -12.10 6.50 4.37
C PHE A 244 -13.04 6.49 3.17
N TYR A 245 -13.94 7.46 3.13
CA TYR A 245 -14.88 7.54 2.03
C TYR A 245 -14.50 8.63 1.07
#